data_6NRJ
#
_entry.id   6NRJ
#
_cell.length_a   94.465
_cell.length_b   94.465
_cell.length_c   137.627
_cell.angle_alpha   90.000
_cell.angle_beta   90.000
_cell.angle_gamma   90.000
#
_symmetry.space_group_name_H-M   'I 41 2 2'
#
loop_
_entity.id
_entity.type
_entity.pdbx_description
1 polymer 'Poly [ADP-ribose] polymerase 1'
2 non-polymer (2Z)-2-[(4-{[2-(1H-benzimidazol-2-yl)ethyl]carbamoyl}phenyl)methylidene]-3-oxo-2,3-dihydro-1-benzofuran-7-carboxamide
3 non-polymer 'SULFATE ION'
4 non-polymer 'DIMETHYL SULFOXIDE'
5 water water
#
_entity_poly.entity_id   1
_entity_poly.type   'polypeptide(L)'
_entity_poly.pdbx_seq_one_letter_code
;MGSSHHHHHHSSGLVPRGSHMTKSKLPKPVQDLIKMIFGSGSGSGGDPIDVNYEKLKTDIKVVDRDSEEAEIIRKYVKNT
HATTHNAYDLEVIDIFKIEREGECQRYKPFKQLHNRRLLWHGSRTTNFAGILSQGLRIAPPEAPVTGYMFGKGIYFADMV
SKSANYCHTSQGDPIGLILLGEVALGNMYELKHASHISKLPKGKHSVKGLGKTTPDPSANISLDGVDVPLGTGISSGVND
TSLLYNEYIVYDIAQVNLKYLLKLKFNFKTS
;
_entity_poly.pdbx_strand_id   A
#
loop_
_chem_comp.id
_chem_comp.type
_chem_comp.name
_chem_comp.formula
DMS non-polymer 'DIMETHYL SULFOXIDE' 'C2 H6 O S'
KYJ non-polymer (2Z)-2-[(4-{[2-(1H-benzimidazol-2-yl)ethyl]carbamoyl}phenyl)methylidene]-3-oxo-2,3-dihydro-1-benzofuran-7-carboxamide 'C26 H20 N4 O4'
SO4 non-polymer 'SULFATE ION' 'O4 S -2'
#
# COMPACT_ATOMS: atom_id res chain seq x y z
N LYS A 23 -30.95 -8.85 -2.82
CA LYS A 23 -30.47 -8.86 -1.41
C LYS A 23 -29.09 -9.50 -1.36
N SER A 24 -28.13 -8.76 -0.83
CA SER A 24 -26.76 -9.22 -0.72
C SER A 24 -26.64 -10.29 0.39
N LYS A 25 -25.75 -11.26 0.18
CA LYS A 25 -25.42 -12.26 1.21
C LYS A 25 -24.00 -12.02 1.76
N LEU A 26 -23.42 -10.86 1.46
CA LEU A 26 -22.15 -10.46 2.00
C LEU A 26 -22.37 -9.78 3.37
N PRO A 27 -21.35 -9.81 4.24
CA PRO A 27 -21.38 -9.05 5.50
C PRO A 27 -21.52 -7.55 5.20
N LYS A 28 -22.18 -6.82 6.11
CA LYS A 28 -22.53 -5.41 5.84
C LYS A 28 -21.27 -4.59 5.57
N PRO A 29 -20.13 -4.76 6.27
CA PRO A 29 -18.96 -3.95 5.93
C PRO A 29 -18.48 -4.16 4.49
N VAL A 30 -18.58 -5.40 3.97
CA VAL A 30 -18.18 -5.66 2.60
C VAL A 30 -19.22 -5.04 1.63
N GLN A 31 -20.51 -5.15 1.95
CA GLN A 31 -21.56 -4.48 1.13
C GLN A 31 -21.20 -3.00 0.98
N ASP A 32 -20.87 -2.36 2.10
CA ASP A 32 -20.58 -0.91 2.10
C ASP A 32 -19.31 -0.60 1.29
N LEU A 33 -18.30 -1.49 1.36
CA LEU A 33 -17.10 -1.34 0.58
C LEU A 33 -17.44 -1.37 -0.92
N ILE A 34 -18.29 -2.32 -1.32
CA ILE A 34 -18.66 -2.49 -2.72
C ILE A 34 -19.37 -1.21 -3.19
N LYS A 35 -20.31 -0.69 -2.37
CA LYS A 35 -21.04 0.55 -2.74
C LYS A 35 -20.08 1.72 -2.94
N MET A 36 -19.03 1.79 -2.11
CA MET A 36 -18.01 2.85 -2.20
C MET A 36 -17.21 2.71 -3.51
N ILE A 37 -16.83 1.48 -3.86
CA ILE A 37 -15.95 1.22 -5.00
C ILE A 37 -16.72 1.44 -6.32
N PHE A 38 -17.99 1.05 -6.35
CA PHE A 38 -18.79 1.11 -7.60
C PHE A 38 -19.60 2.41 -7.68
N GLY A 39 -19.63 3.19 -6.58
CA GLY A 39 -20.32 4.48 -6.53
C GLY A 39 -21.81 4.35 -6.77
N ASP A 47 -25.99 -2.36 -10.95
CA ASP A 47 -25.98 -3.80 -10.74
C ASP A 47 -26.14 -4.11 -9.25
N PRO A 48 -26.63 -5.32 -8.89
CA PRO A 48 -26.73 -5.73 -7.50
C PRO A 48 -25.33 -5.81 -6.87
N ILE A 49 -25.28 -5.69 -5.54
CA ILE A 49 -24.04 -5.68 -4.80
C ILE A 49 -23.22 -6.95 -5.11
N ASP A 50 -23.84 -8.12 -5.09
CA ASP A 50 -23.07 -9.37 -5.17
C ASP A 50 -22.57 -9.58 -6.60
N VAL A 51 -23.27 -9.01 -7.60
CA VAL A 51 -22.78 -9.03 -9.00
C VAL A 51 -21.53 -8.15 -9.15
N ASN A 52 -21.57 -6.94 -8.55
CA ASN A 52 -20.44 -6.06 -8.53
C ASN A 52 -19.26 -6.72 -7.77
N TYR A 53 -19.56 -7.44 -6.68
CA TYR A 53 -18.52 -8.13 -5.92
C TYR A 53 -17.73 -9.06 -6.85
N GLU A 54 -18.43 -9.86 -7.66
CA GLU A 54 -17.79 -10.91 -8.48
C GLU A 54 -16.91 -10.26 -9.56
N LYS A 55 -17.25 -9.04 -9.98
CA LYS A 55 -16.43 -8.32 -10.97
C LYS A 55 -15.01 -8.02 -10.46
N LEU A 56 -14.83 -7.96 -9.12
CA LEU A 56 -13.53 -7.66 -8.52
C LEU A 56 -12.59 -8.87 -8.59
N LYS A 57 -13.12 -10.07 -8.83
CA LYS A 57 -12.35 -11.33 -8.88
CA LYS A 57 -12.29 -11.27 -8.93
C LYS A 57 -11.35 -11.36 -7.71
N THR A 58 -11.86 -11.03 -6.52
CA THR A 58 -11.06 -10.91 -5.29
C THR A 58 -11.88 -11.44 -4.10
N ASP A 59 -11.27 -12.32 -3.30
CA ASP A 59 -11.92 -12.73 -2.06
C ASP A 59 -11.72 -11.63 -1.02
N ILE A 60 -12.81 -11.20 -0.34
CA ILE A 60 -12.70 -10.15 0.63
C ILE A 60 -13.30 -10.63 1.95
N LYS A 61 -12.51 -10.52 3.01
CA LYS A 61 -12.94 -10.96 4.35
C LYS A 61 -12.75 -9.81 5.32
N VAL A 62 -13.71 -9.64 6.22
CA VAL A 62 -13.56 -8.65 7.31
C VAL A 62 -12.61 -9.22 8.36
N VAL A 63 -11.61 -8.42 8.76
CA VAL A 63 -10.69 -8.79 9.85
C VAL A 63 -11.37 -8.40 11.17
N ASP A 64 -11.45 -9.35 12.10
CA ASP A 64 -12.07 -9.16 13.41
C ASP A 64 -11.28 -8.05 14.15
N ARG A 65 -11.98 -7.08 14.73
CA ARG A 65 -11.31 -5.98 15.46
C ARG A 65 -10.43 -6.55 16.58
N ASP A 66 -10.86 -7.67 17.17
CA ASP A 66 -10.28 -8.25 18.38
C ASP A 66 -8.91 -8.90 18.10
N SER A 67 -8.59 -9.13 16.84
CA SER A 67 -7.55 -10.09 16.42
C SER A 67 -6.14 -9.48 16.48
N GLU A 68 -5.13 -10.37 16.46
CA GLU A 68 -3.72 -9.97 16.42
C GLU A 68 -3.41 -9.15 15.15
N GLU A 69 -3.91 -9.59 13.98
CA GLU A 69 -3.69 -8.88 12.75
C GLU A 69 -4.20 -7.45 12.87
N ALA A 70 -5.41 -7.29 13.41
CA ALA A 70 -6.02 -5.97 13.51
C ALA A 70 -5.17 -5.08 14.44
N GLU A 71 -4.69 -5.65 15.55
CA GLU A 71 -3.87 -4.91 16.53
C GLU A 71 -2.58 -4.40 15.87
N ILE A 72 -1.94 -5.26 15.08
CA ILE A 72 -0.73 -4.91 14.36
C ILE A 72 -1.01 -3.80 13.34
N ILE A 73 -2.09 -3.95 12.56
CA ILE A 73 -2.39 -2.98 11.53
C ILE A 73 -2.72 -1.62 12.17
N ARG A 74 -3.50 -1.60 13.25
CA ARG A 74 -3.84 -0.32 13.90
C ARG A 74 -2.56 0.34 14.44
N LYS A 75 -1.61 -0.47 14.91
CA LYS A 75 -0.35 0.08 15.43
C LYS A 75 0.48 0.68 14.29
N TYR A 76 0.46 0.02 13.12
CA TYR A 76 1.19 0.50 11.93
C TYR A 76 0.62 1.87 11.53
N VAL A 77 -0.71 1.99 11.51
CA VAL A 77 -1.37 3.26 11.19
C VAL A 77 -0.99 4.33 12.24
N LYS A 78 -1.07 3.99 13.53
CA LYS A 78 -0.83 4.97 14.59
C LYS A 78 0.62 5.49 14.53
N ASN A 79 1.57 4.57 14.40
CA ASN A 79 2.99 4.86 14.63
C ASN A 79 3.64 5.57 13.43
N THR A 80 3.09 5.41 12.23
CA THR A 80 3.83 5.85 11.02
C THR A 80 3.13 7.02 10.32
N HIS A 81 2.33 7.78 11.07
CA HIS A 81 1.81 9.04 10.57
C HIS A 81 2.92 10.09 10.70
N ALA A 82 3.37 10.64 9.56
CA ALA A 82 4.49 11.59 9.54
C ALA A 82 4.13 12.93 10.23
N THR A 83 5.14 13.55 10.85
CA THR A 83 4.94 14.81 11.59
C THR A 83 4.54 15.94 10.63
N THR A 84 5.00 15.90 9.38
CA THR A 84 4.75 16.97 8.41
C THR A 84 3.40 16.78 7.69
N HIS A 85 2.70 15.66 7.93
CA HIS A 85 1.39 15.44 7.31
C HIS A 85 0.29 15.76 8.33
N ASN A 86 0.22 17.04 8.72
CA ASN A 86 -0.50 17.46 9.93
C ASN A 86 -1.87 18.04 9.58
N ALA A 87 -2.29 18.00 8.31
CA ALA A 87 -3.63 18.52 7.91
C ALA A 87 -4.76 17.59 8.38
N TYR A 88 -4.44 16.33 8.71
CA TYR A 88 -5.48 15.37 9.12
C TYR A 88 -4.90 14.33 10.08
N ASP A 89 -5.80 13.69 10.84
CA ASP A 89 -5.52 12.45 11.57
CA ASP A 89 -5.51 12.45 11.57
C ASP A 89 -6.32 11.32 10.92
N LEU A 90 -5.88 10.08 11.12
CA LEU A 90 -6.51 8.90 10.53
C LEU A 90 -7.18 8.04 11.60
N GLU A 91 -8.34 7.50 11.24
CA GLU A 91 -9.09 6.54 12.02
C GLU A 91 -9.40 5.35 11.11
N VAL A 92 -9.04 4.14 11.56
CA VAL A 92 -9.36 2.91 10.80
C VAL A 92 -10.84 2.56 11.03
N ILE A 93 -11.63 2.52 9.96
CA ILE A 93 -13.02 2.15 10.04
C ILE A 93 -13.15 0.63 9.96
N ASP A 94 -12.63 0.05 8.87
CA ASP A 94 -12.72 -1.41 8.59
C ASP A 94 -11.38 -1.88 8.00
N ILE A 95 -11.01 -3.11 8.34
CA ILE A 95 -9.84 -3.78 7.79
C ILE A 95 -10.34 -5.03 7.08
N PHE A 96 -9.94 -5.21 5.81
CA PHE A 96 -10.30 -6.35 5.03
C PHE A 96 -9.04 -7.11 4.64
N LYS A 97 -9.15 -8.45 4.64
CA LYS A 97 -8.10 -9.28 4.10
C LYS A 97 -8.50 -9.66 2.68
N ILE A 98 -7.59 -9.52 1.72
CA ILE A 98 -7.96 -9.72 0.32
C ILE A 98 -7.04 -10.75 -0.33
N GLU A 99 -7.63 -11.52 -1.26
CA GLU A 99 -6.86 -12.48 -2.08
C GLU A 99 -7.37 -12.38 -3.53
N ARG A 100 -6.57 -11.77 -4.41
CA ARG A 100 -6.96 -11.67 -5.82
C ARG A 100 -6.83 -13.05 -6.48
N GLU A 101 -7.78 -13.36 -7.35
CA GLU A 101 -7.73 -14.57 -8.17
C GLU A 101 -6.40 -14.61 -8.94
N GLY A 102 -5.71 -15.77 -8.90
CA GLY A 102 -4.43 -15.96 -9.57
C GLY A 102 -3.19 -15.40 -8.87
N GLU A 103 -3.33 -14.61 -7.80
CA GLU A 103 -2.14 -13.92 -7.28
C GLU A 103 -1.21 -14.95 -6.60
N CYS A 104 -1.73 -16.02 -6.02
CA CYS A 104 -0.88 -17.06 -5.39
C CYS A 104 0.12 -17.64 -6.42
N GLN A 105 -0.37 -18.04 -7.59
CA GLN A 105 0.49 -18.59 -8.63
C GLN A 105 1.39 -17.50 -9.26
N ARG A 106 0.88 -16.28 -9.41
CA ARG A 106 1.72 -15.18 -9.99
C ARG A 106 2.91 -14.84 -9.08
N TYR A 107 2.67 -14.83 -7.77
CA TYR A 107 3.64 -14.33 -6.80
C TYR A 107 4.67 -15.42 -6.49
N LYS A 108 4.30 -16.67 -6.78
CA LYS A 108 5.05 -17.87 -6.46
C LYS A 108 6.55 -17.68 -6.71
N PRO A 109 7.01 -17.18 -7.87
CA PRO A 109 8.45 -17.03 -8.15
C PRO A 109 9.21 -16.08 -7.21
N PHE A 110 8.49 -15.20 -6.51
CA PHE A 110 9.09 -14.21 -5.61
C PHE A 110 8.84 -14.56 -4.14
N LYS A 111 7.99 -15.55 -3.89
CA LYS A 111 7.49 -15.86 -2.56
C LYS A 111 8.65 -16.26 -1.64
N GLN A 112 9.76 -16.74 -2.22
CA GLN A 112 10.92 -17.20 -1.47
C GLN A 112 12.06 -16.16 -1.47
N LEU A 113 11.95 -15.07 -2.24
CA LEU A 113 12.97 -13.99 -2.24
C LEU A 113 13.05 -13.39 -0.83
N HIS A 114 14.25 -12.97 -0.45
CA HIS A 114 14.46 -12.33 0.86
C HIS A 114 13.87 -10.91 0.85
N ASN A 115 13.70 -10.35 2.04
CA ASN A 115 13.35 -8.96 2.20
C ASN A 115 11.95 -8.67 1.61
N ARG A 116 10.97 -9.39 2.16
CA ARG A 116 9.58 -9.19 1.81
C ARG A 116 8.96 -8.32 2.90
N ARG A 117 8.32 -7.22 2.53
CA ARG A 117 7.90 -6.16 3.47
C ARG A 117 6.44 -5.80 3.23
N LEU A 118 5.73 -5.45 4.32
CA LEU A 118 4.34 -5.07 4.24
C LEU A 118 4.26 -3.55 4.19
N LEU A 119 3.87 -3.04 3.02
CA LEU A 119 3.98 -1.62 2.71
C LEU A 119 2.66 -1.06 2.21
N TRP A 120 2.51 0.26 2.38
CA TRP A 120 1.32 1.03 2.03
C TRP A 120 1.28 1.39 0.54
N HIS A 121 0.07 1.40 -0.03
CA HIS A 121 -0.20 2.04 -1.33
C HIS A 121 -1.58 2.71 -1.30
N GLY A 122 -1.60 4.01 -1.53
CA GLY A 122 -2.82 4.80 -1.62
C GLY A 122 -3.15 5.16 -3.06
N SER A 123 -4.44 5.30 -3.31
CA SER A 123 -4.96 5.67 -4.62
C SER A 123 -6.35 6.27 -4.44
N ARG A 124 -6.82 7.02 -5.45
CA ARG A 124 -8.18 7.55 -5.43
C ARG A 124 -9.17 6.39 -5.39
N THR A 125 -10.29 6.58 -4.70
CA THR A 125 -11.34 5.54 -4.57
C THR A 125 -11.81 5.02 -5.95
N THR A 126 -11.90 5.92 -6.94
CA THR A 126 -12.38 5.58 -8.29
C THR A 126 -11.44 4.60 -9.01
N ASN A 127 -10.24 4.37 -8.49
CA ASN A 127 -9.27 3.46 -9.10
C ASN A 127 -9.41 2.04 -8.55
N PHE A 128 -10.14 1.84 -7.45
CA PHE A 128 -10.07 0.55 -6.75
C PHE A 128 -10.77 -0.60 -7.49
N ALA A 129 -11.83 -0.34 -8.25
CA ALA A 129 -12.42 -1.43 -9.02
C ALA A 129 -11.38 -2.06 -9.97
N GLY A 130 -10.58 -1.20 -10.61
CA GLY A 130 -9.50 -1.65 -11.50
C GLY A 130 -8.36 -2.29 -10.75
N ILE A 131 -7.99 -1.70 -9.62
CA ILE A 131 -6.84 -2.24 -8.85
C ILE A 131 -7.16 -3.66 -8.39
N LEU A 132 -8.36 -3.86 -7.86
CA LEU A 132 -8.69 -5.20 -7.35
C LEU A 132 -8.85 -6.20 -8.50
N SER A 133 -9.54 -5.83 -9.59
CA SER A 133 -9.74 -6.78 -10.68
C SER A 133 -8.43 -7.09 -11.43
N GLN A 134 -7.54 -6.10 -11.65
CA GLN A 134 -6.35 -6.27 -12.52
CA GLN A 134 -6.37 -6.28 -12.52
C GLN A 134 -5.05 -6.28 -11.71
N GLY A 135 -5.12 -5.90 -10.43
CA GLY A 135 -3.90 -5.72 -9.58
C GLY A 135 -3.27 -4.38 -9.84
N LEU A 136 -2.25 -4.00 -9.04
CA LEU A 136 -1.51 -2.78 -9.30
C LEU A 136 -0.72 -2.95 -10.60
N ARG A 137 -0.69 -1.89 -11.40
CA ARG A 137 -0.11 -1.89 -12.72
C ARG A 137 0.94 -0.78 -12.81
N ILE A 138 1.82 -0.93 -13.79
CA ILE A 138 2.79 0.09 -14.11
C ILE A 138 2.13 1.04 -15.12
N ALA A 139 2.37 2.36 -14.94
CA ALA A 139 1.87 3.35 -15.88
C ALA A 139 2.32 2.97 -17.29
N PRO A 140 1.42 3.06 -18.29
CA PRO A 140 1.80 2.77 -19.68
C PRO A 140 2.62 3.88 -20.31
N PRO A 141 3.26 3.62 -21.46
CA PRO A 141 4.07 4.63 -22.16
C PRO A 141 3.37 5.98 -22.39
N GLU A 142 2.06 5.97 -22.66
CA GLU A 142 1.32 7.18 -23.00
C GLU A 142 0.94 7.98 -21.74
N ALA A 143 1.20 7.44 -20.53
CA ALA A 143 0.93 8.14 -19.29
C ALA A 143 2.12 9.04 -18.95
N PRO A 144 1.92 10.21 -18.31
CA PRO A 144 3.05 11.06 -17.91
C PRO A 144 3.88 10.42 -16.79
N VAL A 145 5.21 10.69 -16.77
CA VAL A 145 6.12 10.18 -15.71
C VAL A 145 6.03 11.10 -14.48
N THR A 146 5.26 12.18 -14.58
CA THR A 146 5.21 13.21 -13.54
C THR A 146 4.86 12.57 -12.18
N GLY A 147 5.69 12.84 -11.17
CA GLY A 147 5.45 12.32 -9.82
C GLY A 147 6.18 11.03 -9.51
N TYR A 148 6.78 10.40 -10.51
CA TYR A 148 7.46 9.13 -10.34
C TYR A 148 8.97 9.36 -10.34
N MET A 149 9.57 9.52 -9.16
CA MET A 149 10.97 9.99 -9.10
C MET A 149 11.98 8.94 -9.60
N PHE A 150 11.58 7.65 -9.65
CA PHE A 150 12.47 6.58 -10.14
C PHE A 150 11.90 5.91 -11.39
N GLY A 151 11.04 6.65 -12.10
CA GLY A 151 10.48 6.18 -13.37
C GLY A 151 9.22 5.36 -13.11
N LYS A 152 8.57 4.95 -14.19
CA LYS A 152 7.31 4.23 -14.05
C LYS A 152 7.58 2.89 -13.33
N GLY A 153 6.78 2.64 -12.30
CA GLY A 153 6.87 1.42 -11.49
C GLY A 153 5.72 1.41 -10.51
N ILE A 154 5.74 0.46 -9.58
CA ILE A 154 4.71 0.40 -8.56
CA ILE A 154 4.72 0.36 -8.56
C ILE A 154 5.35 0.90 -7.26
N TYR A 155 4.75 1.96 -6.70
CA TYR A 155 5.33 2.72 -5.57
C TYR A 155 4.61 2.41 -4.26
N PHE A 156 5.41 2.27 -3.20
CA PHE A 156 4.92 2.00 -1.84
C PHE A 156 5.64 2.87 -0.81
N ALA A 157 4.97 3.08 0.33
CA ALA A 157 5.55 3.81 1.48
C ALA A 157 5.58 2.91 2.73
N ASP A 158 6.48 3.24 3.68
CA ASP A 158 6.46 2.65 5.02
C ASP A 158 5.86 3.62 6.06
N MET A 159 5.42 4.80 5.59
CA MET A 159 4.70 5.77 6.43
C MET A 159 3.29 5.89 5.87
N VAL A 160 2.30 5.54 6.72
CA VAL A 160 0.93 5.47 6.26
C VAL A 160 0.47 6.78 5.60
N SER A 161 0.86 7.92 6.19
CA SER A 161 0.36 9.21 5.74
C SER A 161 0.97 9.59 4.38
N LYS A 162 2.17 9.11 4.05
CA LYS A 162 2.73 9.38 2.72
C LYS A 162 1.86 8.74 1.64
N SER A 163 1.42 7.49 1.87
CA SER A 163 0.48 6.83 0.94
C SER A 163 -0.92 7.44 1.01
N ALA A 164 -1.38 7.80 2.21
CA ALA A 164 -2.75 8.29 2.38
C ALA A 164 -2.98 9.58 1.61
N ASN A 165 -1.92 10.39 1.45
CA ASN A 165 -1.98 11.63 0.69
C ASN A 165 -2.45 11.34 -0.75
N TYR A 166 -2.13 10.16 -1.27
CA TYR A 166 -2.47 9.77 -2.66
C TYR A 166 -3.93 9.32 -2.79
N CYS A 167 -4.70 9.31 -1.69
CA CYS A 167 -6.13 9.01 -1.76
C CYS A 167 -6.91 10.25 -2.23
N HIS A 168 -6.31 11.44 -2.11
CA HIS A 168 -6.93 12.73 -2.46
C HIS A 168 -8.35 12.83 -1.88
N THR A 169 -8.46 12.56 -0.57
CA THR A 169 -9.66 12.82 0.19
C THR A 169 -9.71 14.31 0.55
N SER A 170 -10.89 14.74 0.99
CA SER A 170 -11.13 16.15 1.36
C SER A 170 -12.15 16.19 2.49
N GLN A 171 -12.29 17.37 3.11
CA GLN A 171 -13.23 17.51 4.20
C GLN A 171 -14.60 16.91 3.74
N GLY A 172 -14.95 17.27 2.47
CA GLY A 172 -16.25 16.98 1.87
C GLY A 172 -16.40 15.52 1.45
N ASP A 173 -15.27 14.83 1.27
CA ASP A 173 -15.21 13.44 0.84
C ASP A 173 -14.15 12.75 1.69
N PRO A 174 -14.40 12.56 3.00
CA PRO A 174 -13.33 12.29 3.96
C PRO A 174 -12.97 10.81 4.18
N ILE A 175 -13.59 9.91 3.41
CA ILE A 175 -13.36 8.48 3.50
C ILE A 175 -12.52 8.05 2.30
N GLY A 176 -11.44 7.32 2.57
CA GLY A 176 -10.57 6.82 1.54
C GLY A 176 -10.22 5.36 1.76
N LEU A 177 -9.55 4.81 0.75
CA LEU A 177 -9.11 3.41 0.80
C LEU A 177 -7.61 3.36 0.60
N ILE A 178 -6.97 2.41 1.29
CA ILE A 178 -5.54 2.24 1.22
C ILE A 178 -5.21 0.75 1.33
N LEU A 179 -4.18 0.34 0.60
CA LEU A 179 -3.75 -1.07 0.55
C LEU A 179 -2.51 -1.29 1.41
N LEU A 180 -2.44 -2.50 1.96
CA LEU A 180 -1.21 -3.09 2.41
C LEU A 180 -0.84 -4.25 1.48
N GLY A 181 0.35 -4.15 0.88
CA GLY A 181 0.88 -5.19 0.02
C GLY A 181 2.11 -5.83 0.62
N GLU A 182 2.23 -7.14 0.45
CA GLU A 182 3.50 -7.80 0.62
C GLU A 182 4.32 -7.55 -0.64
N VAL A 183 5.49 -6.94 -0.48
CA VAL A 183 6.31 -6.57 -1.63
C VAL A 183 7.64 -7.32 -1.50
N ALA A 184 7.99 -8.05 -2.56
CA ALA A 184 9.20 -8.85 -2.59
C ALA A 184 10.36 -7.97 -3.07
N LEU A 185 11.05 -7.33 -2.12
CA LEU A 185 12.03 -6.28 -2.47
C LEU A 185 13.40 -6.87 -2.81
N GLY A 186 13.77 -7.98 -2.17
CA GLY A 186 15.07 -8.57 -2.39
C GLY A 186 16.19 -7.58 -2.14
N ASN A 187 17.19 -7.58 -3.02
CA ASN A 187 18.32 -6.63 -2.96
C ASN A 187 17.85 -5.28 -3.49
N MET A 188 17.84 -4.26 -2.63
CA MET A 188 17.37 -2.94 -2.97
C MET A 188 18.52 -2.08 -3.51
N TYR A 189 18.22 -1.38 -4.61
CA TYR A 189 19.06 -0.36 -5.18
C TYR A 189 18.66 0.96 -4.51
N GLU A 190 19.56 1.44 -3.64
CA GLU A 190 19.17 2.55 -2.72
C GLU A 190 19.66 3.88 -3.27
N LEU A 191 18.73 4.78 -3.52
CA LEU A 191 19.00 6.07 -4.18
C LEU A 191 18.44 7.22 -3.35
N LYS A 192 19.04 8.40 -3.52
CA LYS A 192 18.71 9.57 -2.74
C LYS A 192 18.23 10.73 -3.62
N HIS A 193 18.29 10.60 -4.96
CA HIS A 193 17.91 11.68 -5.87
C HIS A 193 17.21 11.05 -7.06
N ALA A 194 16.28 11.81 -7.66
CA ALA A 194 15.51 11.31 -8.79
C ALA A 194 16.42 10.74 -9.90
N SER A 195 16.02 9.59 -10.43
CA SER A 195 16.75 8.91 -11.48
C SER A 195 15.83 7.88 -12.14
N HIS A 196 15.53 8.05 -13.43
CA HIS A 196 14.62 7.18 -14.14
C HIS A 196 15.43 6.04 -14.75
N ILE A 197 15.76 5.06 -13.92
CA ILE A 197 16.79 4.08 -14.28
C ILE A 197 16.28 3.24 -15.48
N SER A 198 17.17 2.95 -16.43
CA SER A 198 16.77 2.18 -17.64
C SER A 198 16.60 0.69 -17.31
N LYS A 199 17.31 0.23 -16.28
CA LYS A 199 17.38 -1.19 -15.93
C LYS A 199 17.94 -1.29 -14.51
N LEU A 200 17.49 -2.30 -13.75
CA LEU A 200 18.06 -2.53 -12.44
C LEU A 200 19.47 -3.07 -12.60
N PRO A 201 20.41 -2.67 -11.72
CA PRO A 201 21.73 -3.28 -11.69
C PRO A 201 21.65 -4.79 -11.44
N LYS A 202 22.75 -5.47 -11.79
CA LYS A 202 22.86 -6.93 -11.68
C LYS A 202 22.67 -7.32 -10.21
N GLY A 203 21.76 -8.27 -9.97
CA GLY A 203 21.51 -8.75 -8.62
C GLY A 203 20.48 -7.95 -7.84
N LYS A 204 20.01 -6.79 -8.36
CA LYS A 204 19.07 -5.94 -7.64
C LYS A 204 17.64 -6.25 -8.09
N HIS A 205 16.67 -6.13 -7.17
CA HIS A 205 15.25 -6.52 -7.42
C HIS A 205 14.27 -5.35 -7.32
N SER A 206 14.67 -4.22 -6.74
CA SER A 206 13.80 -3.11 -6.42
C SER A 206 14.68 -1.85 -6.23
N VAL A 207 14.00 -0.70 -6.17
CA VAL A 207 14.62 0.59 -5.76
C VAL A 207 14.02 0.99 -4.41
N LYS A 208 14.88 1.51 -3.52
CA LYS A 208 14.44 2.18 -2.33
C LYS A 208 14.96 3.62 -2.36
N GLY A 209 14.06 4.60 -2.30
CA GLY A 209 14.44 5.98 -2.06
C GLY A 209 14.62 6.22 -0.58
N LEU A 210 15.77 6.73 -0.18
CA LEU A 210 16.14 6.91 1.26
C LEU A 210 15.68 8.25 1.75
N GLY A 211 14.74 8.25 2.72
CA GLY A 211 14.27 9.42 3.38
C GLY A 211 15.13 9.88 4.53
N LYS A 212 14.90 11.13 4.97
CA LYS A 212 15.46 11.67 6.19
C LYS A 212 14.86 11.03 7.45
N THR A 213 13.63 10.48 7.35
CA THR A 213 12.92 9.90 8.46
C THR A 213 12.51 8.47 8.10
N THR A 214 12.65 7.57 9.07
CA THR A 214 12.39 6.13 8.86
C THR A 214 11.65 5.61 10.10
N PRO A 215 10.71 4.64 9.96
CA PRO A 215 10.26 3.90 11.13
C PRO A 215 11.49 3.29 11.80
N ASP A 216 11.52 3.28 13.13
CA ASP A 216 12.64 2.75 13.93
C ASP A 216 12.82 1.27 13.59
N PRO A 217 13.94 0.89 12.95
CA PRO A 217 14.16 -0.51 12.56
C PRO A 217 14.12 -1.51 13.72
N SER A 218 14.48 -1.04 14.92
CA SER A 218 14.48 -1.88 16.09
C SER A 218 13.06 -2.36 16.43
N ALA A 219 12.02 -1.74 15.86
CA ALA A 219 10.64 -2.07 16.21
C ALA A 219 9.96 -2.94 15.13
N ASN A 220 10.69 -3.32 14.08
CA ASN A 220 10.12 -4.21 13.06
C ASN A 220 9.59 -5.49 13.71
N ILE A 221 8.45 -5.99 13.21
CA ILE A 221 7.93 -7.27 13.62
C ILE A 221 7.65 -8.09 12.36
N SER A 222 7.30 -9.37 12.58
CA SER A 222 7.07 -10.33 11.52
C SER A 222 5.61 -10.79 11.60
N LEU A 223 4.88 -10.66 10.48
CA LEU A 223 3.48 -11.10 10.36
C LEU A 223 3.42 -12.08 9.18
N ASP A 224 3.23 -13.37 9.49
CA ASP A 224 3.10 -14.40 8.47
C ASP A 224 4.33 -14.36 7.55
N GLY A 225 5.52 -14.18 8.14
CA GLY A 225 6.78 -14.25 7.41
C GLY A 225 7.12 -12.95 6.69
N VAL A 226 6.30 -11.91 6.86
CA VAL A 226 6.54 -10.63 6.18
C VAL A 226 6.96 -9.59 7.24
N ASP A 227 8.01 -8.81 6.96
CA ASP A 227 8.46 -7.74 7.89
C ASP A 227 7.48 -6.58 7.87
N VAL A 228 7.09 -6.08 9.05
CA VAL A 228 6.20 -4.94 9.17
C VAL A 228 6.94 -3.81 9.89
N PRO A 229 7.28 -2.70 9.17
CA PRO A 229 8.06 -1.62 9.75
C PRO A 229 7.18 -0.59 10.50
N LEU A 230 6.63 -1.00 11.63
CA LEU A 230 5.63 -0.19 12.33
C LEU A 230 6.23 0.62 13.49
N GLY A 231 7.55 0.75 13.56
CA GLY A 231 8.21 1.67 14.53
C GLY A 231 7.79 3.13 14.33
N THR A 232 7.82 3.93 15.41
CA THR A 232 7.58 5.38 15.24
C THR A 232 8.75 5.97 14.43
N GLY A 233 8.49 7.10 13.77
CA GLY A 233 9.48 7.76 12.93
C GLY A 233 10.66 8.32 13.72
N ILE A 234 11.87 8.06 13.23
CA ILE A 234 13.11 8.59 13.79
C ILE A 234 13.98 9.10 12.65
N SER A 235 14.98 9.92 13.00
CA SER A 235 15.96 10.37 12.02
C SER A 235 16.70 9.15 11.47
N SER A 236 16.78 9.05 10.13
CA SER A 236 17.48 7.95 9.45
C SER A 236 19.00 8.14 9.52
N GLY A 237 19.46 9.37 9.73
CA GLY A 237 20.87 9.70 9.67
C GLY A 237 21.43 9.76 8.26
N VAL A 238 20.56 9.74 7.26
CA VAL A 238 20.92 9.94 5.85
C VAL A 238 20.98 11.44 5.57
N ASN A 239 22.09 11.90 5.01
CA ASN A 239 22.28 13.27 4.57
C ASN A 239 22.35 13.27 3.04
N ASP A 240 22.17 14.45 2.44
CA ASP A 240 22.27 14.62 1.00
C ASP A 240 21.19 13.78 0.30
N THR A 241 19.93 13.94 0.70
CA THR A 241 18.79 13.22 0.05
C THR A 241 17.66 14.22 -0.28
N SER A 242 16.91 13.92 -1.35
CA SER A 242 15.79 14.73 -1.77
C SER A 242 14.47 14.31 -1.11
N LEU A 243 14.48 13.19 -0.35
CA LEU A 243 13.26 12.60 0.19
C LEU A 243 13.13 12.85 1.69
N LEU A 244 11.96 13.32 2.11
CA LEU A 244 11.66 13.36 3.55
C LEU A 244 11.46 11.95 4.14
N TYR A 245 10.83 11.05 3.38
CA TYR A 245 10.41 9.71 3.84
C TYR A 245 10.80 8.71 2.75
N ASN A 246 10.99 7.46 3.18
CA ASN A 246 11.34 6.42 2.26
C ASN A 246 10.23 6.19 1.22
N GLU A 247 10.64 5.57 0.10
CA GLU A 247 9.69 4.94 -0.79
C GLU A 247 10.35 3.73 -1.45
N TYR A 248 9.50 2.81 -1.92
CA TYR A 248 9.94 1.53 -2.43
C TYR A 248 9.27 1.29 -3.78
N ILE A 249 10.05 0.90 -4.78
CA ILE A 249 9.58 0.74 -6.14
C ILE A 249 9.97 -0.65 -6.67
N VAL A 250 8.97 -1.34 -7.26
CA VAL A 250 9.23 -2.53 -8.04
C VAL A 250 8.77 -2.27 -9.48
N TYR A 251 9.39 -2.99 -10.41
CA TYR A 251 9.19 -2.79 -11.83
C TYR A 251 8.61 -4.04 -12.51
N ASP A 252 8.18 -5.02 -11.71
CA ASP A 252 7.52 -6.22 -12.19
C ASP A 252 6.25 -6.40 -11.36
N ILE A 253 5.09 -6.45 -12.01
CA ILE A 253 3.79 -6.53 -11.35
C ILE A 253 3.69 -7.80 -10.48
N ALA A 254 4.45 -8.85 -10.80
CA ALA A 254 4.39 -10.12 -10.08
C ALA A 254 5.06 -10.01 -8.70
N GLN A 255 5.81 -8.94 -8.41
CA GLN A 255 6.52 -8.80 -7.12
C GLN A 255 5.59 -8.30 -6.01
N VAL A 256 4.29 -8.12 -6.29
CA VAL A 256 3.33 -7.57 -5.34
C VAL A 256 2.26 -8.62 -5.02
N ASN A 257 2.05 -8.89 -3.72
CA ASN A 257 0.94 -9.72 -3.21
C ASN A 257 0.04 -8.83 -2.35
N LEU A 258 -1.10 -8.37 -2.90
CA LEU A 258 -1.96 -7.49 -2.08
C LEU A 258 -2.59 -8.30 -0.95
N LYS A 259 -2.53 -7.76 0.28
CA LYS A 259 -2.91 -8.55 1.45
C LYS A 259 -4.08 -7.94 2.24
N TYR A 260 -4.08 -6.61 2.42
CA TYR A 260 -5.15 -5.95 3.18
C TYR A 260 -5.59 -4.68 2.45
N LEU A 261 -6.85 -4.32 2.70
CA LEU A 261 -7.46 -3.09 2.24
CA LEU A 261 -7.43 -3.08 2.25
C LEU A 261 -8.12 -2.44 3.46
N LEU A 262 -7.75 -1.19 3.76
CA LEU A 262 -8.32 -0.48 4.88
C LEU A 262 -9.25 0.61 4.36
N LYS A 263 -10.39 0.80 5.05
CA LYS A 263 -11.24 1.99 4.88
C LYS A 263 -10.88 2.97 6.01
N LEU A 264 -10.40 4.15 5.61
CA LEU A 264 -9.88 5.15 6.54
C LEU A 264 -10.80 6.36 6.55
N LYS A 265 -11.03 6.88 7.76
CA LYS A 265 -11.61 8.20 7.97
C LYS A 265 -10.47 9.20 8.13
N PHE A 266 -10.51 10.27 7.33
CA PHE A 266 -9.61 11.41 7.44
C PHE A 266 -10.30 12.53 8.23
N ASN A 267 -9.76 12.86 9.40
CA ASN A 267 -10.31 13.93 10.24
C ASN A 267 -9.43 15.17 10.02
N PHE A 268 -9.96 16.13 9.27
CA PHE A 268 -9.20 17.30 8.86
C PHE A 268 -9.23 18.37 9.97
N LYS A 269 -8.10 19.06 10.13
CA LYS A 269 -7.93 20.14 11.11
C LYS A 269 -8.11 21.48 10.40
N KYJ B . 0.73 5.80 -4.21
C KYJ B . 1.48 5.63 -3.12
O KYJ B . 1.02 5.06 -2.08
C1 KYJ B . 2.90 6.11 -3.16
C10 KYJ B . 1.11 8.21 -7.84
C11 KYJ B . 0.11 8.29 -8.81
C12 KYJ B . 0.35 8.93 -10.02
C13 KYJ B . -0.70 8.89 -11.10
C2 KYJ B . 3.75 5.72 -2.12
C3 KYJ B . 5.07 6.16 -2.05
C4 KYJ B . 5.57 7.03 -3.02
C5 KYJ B . 4.74 7.42 -4.06
C6 KYJ B . 5.00 8.24 -5.26
C7 KYJ B . 3.75 8.15 -6.03
C8 KYJ B . 3.55 8.68 -7.22
C9 KYJ B . 2.38 8.75 -8.08
N1 KYJ B . -0.31 9.19 -12.34
O1 KYJ B . 5.99 8.94 -5.54
O2 KYJ B . -1.85 8.58 -10.83
C14 KYJ B . -1.23 9.24 -13.46
C15 KYJ B . -0.74 8.45 -14.65
C16 KYJ B . -0.87 6.98 -14.45
N3 KYJ B . -1.66 6.21 -15.23
C22 KYJ B . -1.55 4.91 -14.78
C21 KYJ B . -2.11 3.71 -15.20
C20 KYJ B . -1.73 2.55 -14.55
C19 KYJ B . -0.83 2.59 -13.48
C18 KYJ B . -0.28 3.79 -13.06
C17 KYJ B . -0.65 4.97 -13.72
N2 KYJ B . -0.23 6.28 -13.53
C23 KYJ B . 1.59 9.50 -10.24
C24 KYJ B . 2.59 9.40 -9.29
O3 KYJ B . 2.83 7.38 -5.32
C25 KYJ B . 3.43 6.95 -4.14
S SO4 C . 8.72 12.86 0.31
O1 SO4 C . 9.82 13.85 0.22
O2 SO4 C . 8.30 12.50 -1.04
O3 SO4 C . 7.61 13.50 1.04
O4 SO4 C . 9.13 11.64 1.06
S SO4 D . 0.27 13.94 -3.10
O1 SO4 D . -0.29 14.28 -4.43
O2 SO4 D . 1.72 14.22 -3.09
O3 SO4 D . 0.04 12.51 -2.83
O4 SO4 D . -0.39 14.74 -2.05
S SO4 E . 20.10 17.12 3.59
O1 SO4 E . 20.60 18.43 3.09
O2 SO4 E . 19.65 16.31 2.43
O3 SO4 E . 19.00 17.36 4.55
O4 SO4 E . 21.21 16.42 4.29
S SO4 F . -1.34 -14.53 2.18
O1 SO4 F . -1.11 -13.43 1.22
O2 SO4 F . -1.56 -14.00 3.54
O3 SO4 F . -2.55 -15.30 1.78
O4 SO4 F . -0.15 -15.43 2.19
S SO4 G . 16.36 -1.32 5.49
O1 SO4 G . 17.62 -0.56 5.31
O2 SO4 G . 15.29 -0.76 4.62
O3 SO4 G . 16.56 -2.73 5.10
O4 SO4 G . 15.89 -1.24 6.90
S DMS H . 1.94 3.44 -9.28
O DMS H . 2.59 3.03 -8.08
C1 DMS H . 0.72 2.14 -9.57
C2 DMS H . 0.90 4.82 -8.85
S DMS I . -4.08 3.76 -10.75
O DMS I . -3.70 4.99 -11.51
C1 DMS I . -4.61 2.61 -11.99
C2 DMS I . -2.52 3.06 -10.36
#